data_7BQ2
#
_entry.id   7BQ2
#
_cell.length_a   44.977
_cell.length_b   61.107
_cell.length_c   53.206
_cell.angle_alpha   90.000
_cell.angle_beta   107.070
_cell.angle_gamma   90.000
#
_symmetry.space_group_name_H-M   'P 1 21 1'
#
loop_
_entity.id
_entity.type
_entity.pdbx_description
1 polymer 'Peroxisome proliferator-activated receptor alpha'
2 polymer '15-meric peptide from Nuclear receptor coactivator 1'
3 non-polymer '(2~{R})-2-[3-[[1,3-benzoxazol-2-yl-[3-(4-methoxyphenoxy)propyl]amino]methyl]phenoxy]butanoic acid'
4 non-polymer GLYCEROL
5 water water
#
loop_
_entity_poly.entity_id
_entity_poly.type
_entity_poly.pdbx_seq_one_letter_code
_entity_poly.pdbx_strand_id
1 'polypeptide(L)'
;GSHMTADLKSLAKRIYEAYLKNFNMNKVKARVILSGKASNNPPFVIHDMETLCMAEKTLVAKLVANGIQNKEAEVRIFHC
CQCTSVETVTELTEFAKAIPGFANLDLNDQVTLLKYGVYEAIFAMLSSVMNKDGMLVAYGNGFITREFLKSLRKPFCDIM
EPKFDFAMKFNALELDDSDISLFVAAIICCGDRPGLLNVGHIEKMQEGIVHVLRLHLQSNHPDDIFLFPKLLQKMADLRQ
LVTEHAQLVQIIKKTESDAALHPLLQEIYRDMY
;
A
2 'polypeptide(L)' LTERHKILHRLLQEG B
#
# COMPACT_ATOMS: atom_id res chain seq x y z
N ALA A 6 7.46 5.40 -29.20
CA ALA A 6 7.07 5.69 -27.81
C ALA A 6 8.20 6.39 -27.06
N ASP A 7 7.83 7.31 -26.16
CA ASP A 7 8.77 8.06 -25.34
C ASP A 7 8.71 7.51 -23.92
N LEU A 8 9.66 6.63 -23.58
CA LEU A 8 9.57 5.93 -22.29
C LEU A 8 10.00 6.81 -21.11
N LYS A 9 10.93 7.74 -21.33
CA LYS A 9 11.25 8.73 -20.30
C LYS A 9 10.04 9.60 -19.99
N SER A 10 9.27 9.96 -21.00
CA SER A 10 8.08 10.77 -20.75
C SER A 10 7.01 9.96 -20.01
N LEU A 11 6.81 8.69 -20.37
CA LEU A 11 5.85 7.86 -19.65
C LEU A 11 6.24 7.72 -18.19
N ALA A 12 7.54 7.52 -17.91
CA ALA A 12 7.98 7.44 -16.52
C ALA A 12 7.64 8.72 -15.78
N LYS A 13 7.88 9.88 -16.41
CA LYS A 13 7.57 11.15 -15.76
C LYS A 13 6.08 11.29 -15.51
N ARG A 14 5.25 10.91 -16.48
CA ARG A 14 3.81 10.98 -16.32
C ARG A 14 3.34 10.15 -15.14
N ILE A 15 3.88 8.94 -14.98
N ILE A 15 3.87 8.93 -15.03
CA ILE A 15 3.42 8.12 -13.87
CA ILE A 15 3.54 8.07 -13.90
C ILE A 15 3.92 8.69 -12.54
C ILE A 15 3.90 8.74 -12.60
N TYR A 16 5.13 9.28 -12.52
CA TYR A 16 5.63 9.91 -11.30
C TYR A 16 4.77 11.12 -10.93
N GLU A 17 4.40 11.91 -11.93
CA GLU A 17 3.56 13.07 -11.64
C GLU A 17 2.20 12.63 -11.12
N ALA A 18 1.65 11.52 -11.65
CA ALA A 18 0.37 11.01 -11.17
C ALA A 18 0.50 10.51 -9.74
N TYR A 19 1.64 9.94 -9.41
CA TYR A 19 1.86 9.51 -8.03
C TYR A 19 1.97 10.69 -7.07
N LEU A 20 2.69 11.74 -7.47
CA LEU A 20 2.79 12.91 -6.61
C LEU A 20 1.44 13.60 -6.39
N LYS A 21 0.58 13.59 -7.40
N LYS A 21 0.55 13.52 -7.38
CA LYS A 21 -0.71 14.24 -7.25
CA LYS A 21 -0.73 14.20 -7.39
C LYS A 21 -1.61 13.45 -6.31
C LYS A 21 -1.82 13.43 -6.63
N ASN A 22 -1.64 12.12 -6.46
CA ASN A 22 -2.69 11.30 -5.89
C ASN A 22 -2.40 10.72 -4.51
N PHE A 23 -1.14 10.61 -4.08
CA PHE A 23 -0.85 10.04 -2.77
C PHE A 23 -0.52 11.12 -1.76
N ASN A 24 -1.21 11.07 -0.63
CA ASN A 24 -0.95 12.07 0.41
C ASN A 24 0.43 11.88 1.02
N MET A 25 0.94 10.66 1.04
CA MET A 25 2.23 10.36 1.63
C MET A 25 3.16 9.87 0.55
N ASN A 26 4.39 10.32 0.61
CA ASN A 26 5.41 9.79 -0.28
C ASN A 26 6.70 9.77 0.50
N LYS A 27 7.76 9.27 -0.13
CA LYS A 27 8.95 9.01 0.63
C LYS A 27 9.67 10.30 1.01
N VAL A 28 9.64 11.32 0.15
CA VAL A 28 10.22 12.60 0.50
C VAL A 28 9.54 13.19 1.75
N LYS A 29 8.21 13.27 1.71
N LYS A 29 8.21 13.22 1.73
CA LYS A 29 7.48 13.79 2.86
CA LYS A 29 7.46 13.81 2.83
C LYS A 29 7.80 12.99 4.11
C LYS A 29 7.67 12.99 4.11
N ALA A 30 7.77 11.67 3.98
CA ALA A 30 7.97 10.83 5.15
C ALA A 30 9.34 11.06 5.78
N ARG A 31 10.36 11.18 4.94
CA ARG A 31 11.71 11.32 5.45
C ARG A 31 11.92 12.68 6.11
N VAL A 32 11.28 13.72 5.59
CA VAL A 32 11.35 15.01 6.27
C VAL A 32 10.85 14.86 7.69
N ILE A 33 9.72 14.17 7.86
CA ILE A 33 9.15 14.04 9.19
C ILE A 33 10.04 13.17 10.06
N LEU A 34 10.47 12.02 9.53
CA LEU A 34 11.24 11.07 10.32
C LEU A 34 12.60 11.63 10.71
N SER A 35 13.06 12.68 10.02
CA SER A 35 14.36 13.30 10.30
C SER A 35 14.32 14.28 11.46
N GLY A 36 13.15 14.67 11.94
CA GLY A 36 13.05 15.55 13.09
C GLY A 36 13.48 16.98 12.79
N PRO A 42 5.06 18.32 14.76
CA PRO A 42 5.91 17.16 14.98
C PRO A 42 5.06 15.95 15.32
N PRO A 43 5.54 14.75 14.99
CA PRO A 43 4.73 13.56 15.23
C PRO A 43 4.70 13.20 16.71
N PHE A 44 3.52 12.88 17.17
CA PHE A 44 3.32 12.41 18.52
C PHE A 44 3.74 10.94 18.61
N VAL A 45 4.58 10.62 19.59
CA VAL A 45 5.17 9.29 19.66
C VAL A 45 4.26 8.39 20.49
N ILE A 46 3.86 7.27 19.89
CA ILE A 46 2.99 6.28 20.53
C ILE A 46 3.87 5.08 20.85
N HIS A 47 4.24 4.92 22.14
CA HIS A 47 5.10 3.83 22.54
C HIS A 47 4.51 2.96 23.64
N ASP A 48 3.31 3.27 24.11
CA ASP A 48 2.72 2.56 25.25
C ASP A 48 1.25 2.93 25.29
N MET A 49 0.49 2.32 26.21
CA MET A 49 -0.95 2.55 26.23
C MET A 49 -1.27 4.00 26.59
N GLU A 50 -0.53 4.61 27.53
CA GLU A 50 -0.78 6.01 27.86
C GLU A 50 -0.68 6.89 26.62
N THR A 51 0.41 6.76 25.87
CA THR A 51 0.58 7.63 24.71
C THR A 51 -0.35 7.23 23.57
N LEU A 52 -0.72 5.96 23.44
CA LEU A 52 -1.79 5.64 22.50
C LEU A 52 -3.04 6.44 22.82
N CYS A 53 -3.49 6.39 24.09
CA CYS A 53 -4.74 7.03 24.44
C CYS A 53 -4.66 8.55 24.25
N MET A 54 -3.49 9.14 24.56
CA MET A 54 -3.32 10.57 24.32
C MET A 54 -3.39 10.88 22.82
N ALA A 55 -2.69 10.07 22.01
CA ALA A 55 -2.72 10.33 20.57
C ALA A 55 -4.12 10.20 20.01
N GLU A 56 -4.88 9.21 20.45
CA GLU A 56 -6.26 9.06 20.01
C GLU A 56 -7.10 10.29 20.32
N LYS A 57 -6.97 10.83 21.54
CA LYS A 57 -7.77 12.00 21.89
C LYS A 57 -7.44 13.20 21.02
N THR A 58 -6.20 13.32 20.55
N THR A 58 -6.20 13.29 20.54
CA THR A 58 -5.91 14.47 19.71
CA THR A 58 -5.78 14.45 19.74
C THR A 58 -6.16 14.18 18.24
C THR A 58 -5.92 14.24 18.25
N LEU A 59 -5.77 13.00 17.76
CA LEU A 59 -5.74 12.76 16.33
C LEU A 59 -6.91 11.98 15.78
N VAL A 60 -7.68 11.25 16.60
CA VAL A 60 -8.85 10.50 16.15
C VAL A 60 -9.93 10.66 17.22
N ALA A 61 -10.20 11.92 17.58
CA ALA A 61 -10.98 12.19 18.77
C ALA A 61 -12.33 11.50 18.74
N LYS A 62 -12.99 11.50 17.59
CA LYS A 62 -14.35 10.96 17.51
C LYS A 62 -14.35 9.48 17.84
N LEU A 63 -13.25 8.76 17.56
CA LEU A 63 -13.17 7.34 17.84
C LEU A 63 -13.20 7.03 19.33
N VAL A 64 -12.83 7.98 20.19
CA VAL A 64 -12.75 7.69 21.60
C VAL A 64 -13.64 8.63 22.42
N ALA A 65 -14.67 9.19 21.77
CA ALA A 65 -15.63 10.08 22.42
C ALA A 65 -16.84 9.31 22.96
N ASN A 70 -16.10 2.48 24.68
CA ASN A 70 -14.89 2.23 23.90
C ASN A 70 -14.52 0.74 23.94
N LYS A 71 -14.00 0.22 22.84
CA LYS A 71 -13.54 -1.16 22.78
C LYS A 71 -12.06 -1.23 23.15
N GLU A 72 -11.52 -2.44 23.10
CA GLU A 72 -10.14 -2.68 23.47
C GLU A 72 -9.21 -1.85 22.58
N ALA A 73 -8.06 -1.48 23.14
CA ALA A 73 -7.08 -0.69 22.39
C ALA A 73 -6.70 -1.39 21.10
N GLU A 74 -6.54 -2.72 21.13
CA GLU A 74 -6.14 -3.45 19.91
C GLU A 74 -7.17 -3.31 18.82
N VAL A 75 -8.45 -3.34 19.17
CA VAL A 75 -9.50 -3.21 18.17
C VAL A 75 -9.57 -1.76 17.65
N ARG A 76 -9.32 -0.74 18.51
CA ARG A 76 -9.23 0.64 18.03
C ARG A 76 -8.10 0.78 17.04
N ILE A 77 -6.93 0.18 17.33
CA ILE A 77 -5.82 0.27 16.38
C ILE A 77 -6.19 -0.40 15.07
N PHE A 78 -6.83 -1.58 15.15
CA PHE A 78 -7.26 -2.27 13.93
C PHE A 78 -8.16 -1.39 13.10
N HIS A 79 -9.10 -0.69 13.76
CA HIS A 79 -9.99 0.22 13.03
C HIS A 79 -9.21 1.34 12.35
N CYS A 80 -8.21 1.91 13.04
CA CYS A 80 -7.40 2.97 12.45
C CYS A 80 -6.59 2.45 11.26
N CYS A 81 -6.09 1.21 11.37
CA CYS A 81 -5.38 0.60 10.24
C CYS A 81 -6.28 0.52 9.02
N GLN A 82 -7.52 0.03 9.22
CA GLN A 82 -8.45 -0.14 8.11
C GLN A 82 -8.80 1.19 7.49
N CYS A 83 -9.04 2.21 8.31
CA CYS A 83 -9.34 3.52 7.75
C CYS A 83 -8.24 4.01 6.84
N THR A 84 -6.98 3.78 7.21
CA THR A 84 -5.89 4.19 6.36
C THR A 84 -5.92 3.41 5.04
N SER A 85 -6.20 2.10 5.12
CA SER A 85 -6.28 1.29 3.91
C SER A 85 -7.37 1.80 2.98
N VAL A 86 -8.54 2.13 3.53
CA VAL A 86 -9.64 2.63 2.70
C VAL A 86 -9.21 3.88 1.96
N GLU A 87 -8.58 4.81 2.69
CA GLU A 87 -8.07 6.02 2.05
C GLU A 87 -7.07 5.71 0.94
N THR A 88 -6.17 4.77 1.19
CA THR A 88 -5.12 4.49 0.23
C THR A 88 -5.69 3.78 -1.00
N VAL A 89 -6.70 2.93 -0.81
CA VAL A 89 -7.35 2.31 -1.96
C VAL A 89 -7.96 3.39 -2.86
N THR A 90 -8.57 4.41 -2.27
CA THR A 90 -9.15 5.49 -3.07
C THR A 90 -8.06 6.20 -3.87
N GLU A 91 -6.91 6.45 -3.23
CA GLU A 91 -5.84 7.11 -3.94
C GLU A 91 -5.31 6.22 -5.06
N LEU A 92 -5.23 4.90 -4.80
CA LEU A 92 -4.71 3.99 -5.80
C LEU A 92 -5.63 3.90 -7.00
N THR A 93 -6.95 3.98 -6.77
CA THR A 93 -7.91 3.94 -7.89
C THR A 93 -7.74 5.13 -8.82
N GLU A 94 -7.52 6.32 -8.25
CA GLU A 94 -7.27 7.50 -9.09
C GLU A 94 -5.93 7.42 -9.78
N PHE A 95 -4.90 6.98 -9.06
CA PHE A 95 -3.61 6.77 -9.68
C PHE A 95 -3.68 5.82 -10.88
N ALA A 96 -4.41 4.70 -10.72
CA ALA A 96 -4.45 3.70 -11.77
C ALA A 96 -4.99 4.29 -13.06
N LYS A 97 -5.96 5.20 -12.93
CA LYS A 97 -6.49 5.86 -14.13
C LYS A 97 -5.40 6.50 -15.00
N ALA A 98 -4.21 6.79 -14.46
CA ALA A 98 -3.14 7.45 -15.22
C ALA A 98 -2.22 6.50 -15.97
N ILE A 99 -2.26 5.21 -15.69
CA ILE A 99 -1.37 4.26 -16.38
C ILE A 99 -1.88 4.03 -17.79
N PRO A 100 -1.05 4.17 -18.82
CA PRO A 100 -1.55 4.02 -20.20
C PRO A 100 -2.20 2.67 -20.42
N GLY A 101 -3.39 2.69 -20.99
CA GLY A 101 -4.13 1.50 -21.31
C GLY A 101 -5.07 1.06 -20.21
N PHE A 102 -4.84 1.50 -18.97
CA PHE A 102 -5.66 1.04 -17.85
C PHE A 102 -7.11 1.45 -18.04
N ALA A 103 -7.33 2.74 -18.34
CA ALA A 103 -8.70 3.22 -18.52
C ALA A 103 -9.35 2.71 -19.79
N ASN A 104 -8.57 2.19 -20.74
CA ASN A 104 -9.17 1.56 -21.92
C ASN A 104 -9.63 0.14 -21.66
N LEU A 105 -9.29 -0.44 -20.51
CA LEU A 105 -9.72 -1.78 -20.21
C LEU A 105 -11.20 -1.83 -19.86
N ASP A 106 -11.79 -3.00 -19.99
CA ASP A 106 -13.14 -3.20 -19.46
C ASP A 106 -13.19 -2.83 -17.96
N LEU A 107 -14.28 -2.18 -17.55
CA LEU A 107 -14.42 -1.85 -16.13
C LEU A 107 -14.22 -3.06 -15.23
N ASN A 108 -14.70 -4.24 -15.65
CA ASN A 108 -14.58 -5.41 -14.81
C ASN A 108 -13.10 -5.80 -14.60
N ASP A 109 -12.28 -5.62 -15.62
CA ASP A 109 -10.86 -5.92 -15.49
C ASP A 109 -10.16 -4.85 -14.64
N GLN A 110 -10.55 -3.58 -14.79
CA GLN A 110 -10.01 -2.55 -13.90
C GLN A 110 -10.25 -2.92 -12.44
N VAL A 111 -11.46 -3.40 -12.13
CA VAL A 111 -11.81 -3.80 -10.76
C VAL A 111 -10.94 -4.94 -10.28
N THR A 112 -10.82 -5.99 -11.09
CA THR A 112 -9.97 -7.13 -10.75
C THR A 112 -8.54 -6.73 -10.50
N LEU A 113 -7.95 -5.90 -11.39
CA LEU A 113 -6.56 -5.50 -11.19
C LEU A 113 -6.40 -4.76 -9.87
N LEU A 114 -7.34 -3.89 -9.56
CA LEU A 114 -7.24 -3.14 -8.31
C LEU A 114 -7.47 -4.06 -7.12
N LYS A 115 -8.47 -4.95 -7.21
CA LYS A 115 -8.75 -5.89 -6.12
C LYS A 115 -7.49 -6.64 -5.68
N TYR A 116 -6.74 -7.19 -6.62
CA TYR A 116 -5.56 -7.96 -6.27
C TYR A 116 -4.34 -7.10 -6.04
N GLY A 117 -4.29 -5.90 -6.62
CA GLY A 117 -3.06 -5.15 -6.57
C GLY A 117 -3.02 -4.20 -5.40
N VAL A 118 -4.16 -3.74 -4.85
CA VAL A 118 -4.06 -2.60 -3.92
C VAL A 118 -3.25 -2.95 -2.66
N TYR A 119 -3.41 -4.16 -2.10
CA TYR A 119 -2.63 -4.42 -0.87
C TYR A 119 -1.15 -4.68 -1.14
N GLU A 120 -0.79 -5.16 -2.35
CA GLU A 120 0.62 -5.23 -2.69
C GLU A 120 1.18 -3.82 -2.80
N ALA A 121 0.41 -2.90 -3.38
CA ALA A 121 0.87 -1.52 -3.46
C ALA A 121 0.90 -0.86 -2.09
N ILE A 122 -0.12 -1.14 -1.24
CA ILE A 122 -0.14 -0.55 0.10
C ILE A 122 1.11 -0.95 0.86
N PHE A 123 1.46 -2.24 0.84
CA PHE A 123 2.62 -2.67 1.65
C PHE A 123 3.93 -2.17 1.06
N ALA A 124 4.00 -2.04 -0.28
CA ALA A 124 5.19 -1.41 -0.88
C ALA A 124 5.36 0.04 -0.41
N MET A 125 4.26 0.83 -0.49
CA MET A 125 4.32 2.24 -0.11
C MET A 125 4.43 2.43 1.40
N LEU A 126 3.86 1.49 2.19
CA LEU A 126 4.02 1.54 3.64
C LEU A 126 5.50 1.56 4.04
N SER A 127 6.34 0.89 3.26
CA SER A 127 7.77 0.86 3.58
C SER A 127 8.33 2.27 3.71
N SER A 128 7.82 3.20 2.92
CA SER A 128 8.35 4.57 2.92
C SER A 128 8.13 5.28 4.26
N VAL A 129 7.15 4.87 5.06
CA VAL A 129 6.90 5.51 6.35
C VAL A 129 7.46 4.71 7.51
N MET A 130 8.21 3.63 7.23
CA MET A 130 8.73 2.75 8.27
C MET A 130 10.23 2.94 8.39
N ASN A 131 10.73 2.87 9.62
CA ASN A 131 12.14 2.59 9.89
C ASN A 131 12.21 1.43 10.89
N LYS A 132 13.41 1.09 11.36
CA LYS A 132 13.51 -0.10 12.16
C LYS A 132 12.84 0.04 13.52
N ASP A 133 12.49 1.26 13.91
CA ASP A 133 11.91 1.49 15.23
C ASP A 133 10.42 1.77 15.21
N GLY A 134 9.80 1.99 14.05
CA GLY A 134 8.39 2.30 14.05
C GLY A 134 7.96 2.91 12.73
N MET A 135 6.76 3.47 12.75
CA MET A 135 6.16 3.93 11.50
C MET A 135 5.30 5.16 11.71
N LEU A 136 5.25 6.00 10.68
CA LEU A 136 4.34 7.14 10.71
C LEU A 136 2.90 6.71 10.53
N VAL A 137 2.00 7.35 11.28
CA VAL A 137 0.56 7.13 11.14
C VAL A 137 -0.15 8.48 11.11
N ALA A 138 -1.44 8.42 10.79
CA ALA A 138 -2.33 9.59 10.86
C ALA A 138 -1.73 10.77 10.10
N TYR A 139 -1.47 10.51 8.81
CA TYR A 139 -1.07 11.56 7.86
C TYR A 139 0.19 12.26 8.34
N GLY A 140 1.10 11.47 8.94
CA GLY A 140 2.39 11.92 9.42
C GLY A 140 2.41 12.61 10.79
N ASN A 141 1.29 12.61 11.51
CA ASN A 141 1.20 13.28 12.81
C ASN A 141 1.40 12.37 13.98
N GLY A 142 1.59 11.08 13.75
CA GLY A 142 1.95 10.17 14.82
C GLY A 142 3.07 9.27 14.36
N PHE A 143 3.81 8.74 15.33
CA PHE A 143 4.84 7.73 15.07
C PHE A 143 4.59 6.64 16.08
N ILE A 144 4.22 5.43 15.62
CA ILE A 144 3.92 4.33 16.55
C ILE A 144 5.09 3.37 16.55
N THR A 145 5.53 2.94 17.73
CA THR A 145 6.74 2.13 17.74
C THR A 145 6.47 0.70 17.36
N ARG A 146 7.50 0.08 16.78
CA ARG A 146 7.42 -1.29 16.35
C ARG A 146 7.26 -2.20 17.56
N GLU A 147 7.94 -1.86 18.66
CA GLU A 147 7.83 -2.66 19.88
C GLU A 147 6.43 -2.55 20.49
N PHE A 148 5.83 -1.34 20.45
CA PHE A 148 4.47 -1.24 20.96
C PHE A 148 3.52 -2.15 20.18
N LEU A 149 3.64 -2.18 18.84
CA LEU A 149 2.76 -3.04 18.08
C LEU A 149 2.99 -4.51 18.38
N LYS A 150 4.24 -4.90 18.61
CA LYS A 150 4.54 -6.27 19.03
C LYS A 150 3.96 -6.59 20.40
N SER A 151 3.69 -5.59 21.22
CA SER A 151 3.21 -5.81 22.59
C SER A 151 1.72 -6.08 22.65
N LEU A 152 0.97 -5.83 21.57
CA LEU A 152 -0.46 -5.98 21.56
C LEU A 152 -0.85 -7.44 21.79
N ARG A 153 -2.05 -7.67 22.28
CA ARG A 153 -2.44 -9.07 22.46
C ARG A 153 -2.62 -9.77 21.12
N LYS A 154 -2.40 -11.08 21.12
CA LYS A 154 -2.66 -11.88 19.94
C LYS A 154 -4.14 -11.75 19.54
N PRO A 155 -4.45 -11.77 18.24
CA PRO A 155 -3.61 -11.88 17.05
C PRO A 155 -3.14 -10.52 16.55
N PHE A 156 -3.49 -9.44 17.22
CA PHE A 156 -3.23 -8.12 16.66
C PHE A 156 -1.74 -7.80 16.60
N CYS A 157 -0.92 -8.38 17.49
CA CYS A 157 0.51 -8.13 17.40
C CYS A 157 1.16 -8.79 16.18
N ASP A 158 0.44 -9.62 15.44
CA ASP A 158 1.00 -10.28 14.28
C ASP A 158 0.70 -9.53 13.00
N ILE A 159 0.00 -8.40 13.05
CA ILE A 159 -0.35 -7.70 11.81
C ILE A 159 0.88 -7.03 11.21
N MET A 160 1.54 -6.18 11.97
CA MET A 160 2.49 -5.29 11.33
C MET A 160 3.88 -5.87 11.21
N GLU A 161 4.32 -6.77 12.09
CA GLU A 161 5.71 -7.20 12.08
C GLU A 161 6.19 -7.73 10.73
N PRO A 162 5.42 -8.55 10.00
CA PRO A 162 5.91 -9.02 8.67
C PRO A 162 6.06 -7.87 7.71
N LYS A 163 5.26 -6.80 7.89
CA LYS A 163 5.39 -5.64 6.99
C LYS A 163 6.65 -4.85 7.32
N PHE A 164 7.03 -4.77 8.61
CA PHE A 164 8.33 -4.16 8.93
C PHE A 164 9.46 -4.99 8.33
N ASP A 165 9.39 -6.33 8.43
CA ASP A 165 10.47 -7.17 7.88
C ASP A 165 10.60 -6.97 6.39
N PHE A 166 9.47 -6.90 5.67
CA PHE A 166 9.56 -6.60 4.24
C PHE A 166 10.18 -5.23 4.03
N ALA A 167 9.71 -4.22 4.77
CA ALA A 167 10.14 -2.84 4.57
C ALA A 167 11.63 -2.65 4.82
N MET A 168 12.22 -3.36 5.81
CA MET A 168 13.63 -3.10 6.07
C MET A 168 14.48 -3.49 4.87
N LYS A 169 14.15 -4.62 4.26
CA LYS A 169 14.88 -5.04 3.05
C LYS A 169 14.50 -4.18 1.85
N PHE A 170 13.23 -3.80 1.71
CA PHE A 170 12.83 -2.96 0.58
C PHE A 170 13.53 -1.59 0.65
N ASN A 171 13.61 -1.01 1.85
CA ASN A 171 14.20 0.31 2.03
C ASN A 171 15.69 0.27 1.77
N ALA A 172 16.31 -0.89 1.98
CA ALA A 172 17.74 -1.03 1.70
C ALA A 172 18.07 -0.90 0.22
N LEU A 173 17.08 -1.07 -0.67
CA LEU A 173 17.26 -0.81 -2.11
C LEU A 173 17.41 0.66 -2.41
N GLU A 174 17.09 1.54 -1.46
CA GLU A 174 17.28 2.98 -1.66
C GLU A 174 16.55 3.50 -2.90
N LEU A 175 15.29 3.07 -3.08
CA LEU A 175 14.45 3.63 -4.13
C LEU A 175 14.03 5.05 -3.79
N ASP A 176 13.73 5.83 -4.82
CA ASP A 176 13.09 7.12 -4.58
C ASP A 176 11.67 7.08 -5.15
N ASP A 177 10.93 8.16 -4.93
CA ASP A 177 9.55 8.20 -5.39
C ASP A 177 9.40 7.98 -6.90
N SER A 178 10.37 8.43 -7.70
CA SER A 178 10.27 8.17 -9.15
C SER A 178 10.33 6.67 -9.47
N ASP A 179 11.12 5.90 -8.68
CA ASP A 179 11.14 4.44 -8.83
C ASP A 179 9.84 3.81 -8.29
N ILE A 180 9.41 4.27 -7.12
CA ILE A 180 8.28 3.62 -6.46
C ILE A 180 7.00 3.80 -7.29
N SER A 181 6.84 4.97 -7.92
CA SER A 181 5.65 5.22 -8.72
C SER A 181 5.51 4.20 -9.83
N LEU A 182 6.64 3.87 -10.48
CA LEU A 182 6.64 2.89 -11.56
C LEU A 182 6.46 1.48 -11.03
N PHE A 183 7.04 1.19 -9.86
CA PHE A 183 6.87 -0.12 -9.22
C PHE A 183 5.40 -0.35 -8.86
N VAL A 184 4.76 0.67 -8.30
CA VAL A 184 3.33 0.57 -7.99
C VAL A 184 2.49 0.41 -9.27
N ALA A 185 2.85 1.12 -10.35
CA ALA A 185 2.12 0.93 -11.59
C ALA A 185 2.31 -0.49 -12.09
N ALA A 186 3.50 -1.06 -11.95
CA ALA A 186 3.71 -2.44 -12.41
C ALA A 186 2.97 -3.46 -11.55
N ILE A 187 2.85 -3.20 -10.25
CA ILE A 187 2.04 -4.06 -9.40
C ILE A 187 0.61 -4.09 -9.89
N ILE A 188 0.07 -2.92 -10.23
CA ILE A 188 -1.33 -2.88 -10.63
C ILE A 188 -1.56 -3.59 -11.98
N CYS A 189 -0.58 -3.56 -12.89
CA CYS A 189 -0.74 -4.13 -14.24
C CYS A 189 -0.18 -5.53 -14.33
N CYS A 190 -0.67 -6.44 -13.50
CA CYS A 190 -0.24 -7.84 -13.55
C CYS A 190 -1.27 -8.60 -14.38
N GLY A 191 -0.80 -9.25 -15.45
CA GLY A 191 -1.74 -9.97 -16.25
C GLY A 191 -2.10 -11.34 -15.75
N ASP A 192 -1.59 -11.78 -14.59
CA ASP A 192 -1.92 -13.12 -14.12
C ASP A 192 -2.87 -13.10 -12.93
N ARG A 193 -3.56 -11.99 -12.70
CA ARG A 193 -4.58 -11.99 -11.66
C ARG A 193 -5.69 -12.96 -12.03
N PRO A 194 -6.24 -13.67 -11.05
CA PRO A 194 -7.39 -14.54 -11.31
C PRO A 194 -8.56 -13.78 -11.89
N GLY A 195 -9.20 -14.37 -12.89
CA GLY A 195 -10.48 -13.84 -13.35
C GLY A 195 -10.44 -12.72 -14.36
N LEU A 196 -9.27 -12.40 -14.92
CA LEU A 196 -9.22 -11.36 -15.94
C LEU A 196 -9.90 -11.83 -17.21
N LEU A 197 -10.59 -10.91 -17.88
CA LEU A 197 -11.25 -11.13 -19.17
C LEU A 197 -10.32 -10.95 -20.35
N ASN A 198 -9.64 -9.80 -20.45
CA ASN A 198 -8.81 -9.51 -21.59
C ASN A 198 -7.33 -9.63 -21.20
N VAL A 199 -6.89 -10.87 -20.97
CA VAL A 199 -5.52 -11.12 -20.53
C VAL A 199 -4.50 -10.58 -21.53
N GLY A 200 -4.79 -10.72 -22.82
CA GLY A 200 -3.81 -10.30 -23.80
C GLY A 200 -3.54 -8.82 -23.75
N HIS A 201 -4.58 -8.01 -23.65
CA HIS A 201 -4.36 -6.56 -23.60
C HIS A 201 -3.66 -6.17 -22.30
N ILE A 202 -4.00 -6.85 -21.19
CA ILE A 202 -3.36 -6.53 -19.91
C ILE A 202 -1.90 -6.91 -19.94
N GLU A 203 -1.57 -8.07 -20.53
CA GLU A 203 -0.17 -8.45 -20.66
C GLU A 203 0.64 -7.42 -21.44
N LYS A 204 0.07 -6.90 -22.52
N LYS A 204 0.07 -6.88 -22.52
CA LYS A 204 0.78 -5.88 -23.28
CA LYS A 204 0.81 -5.87 -23.27
C LYS A 204 0.92 -4.59 -22.48
C LYS A 204 0.92 -4.56 -22.50
N MET A 205 -0.12 -4.20 -21.74
CA MET A 205 -0.01 -3.02 -20.88
C MET A 205 1.10 -3.22 -19.86
N GLN A 206 1.10 -4.39 -19.20
CA GLN A 206 2.16 -4.75 -18.26
C GLN A 206 3.53 -4.73 -18.92
N GLU A 207 3.67 -5.39 -20.07
CA GLU A 207 4.97 -5.35 -20.76
C GLU A 207 5.44 -3.92 -20.94
N GLY A 208 4.54 -3.00 -21.30
CA GLY A 208 4.95 -1.63 -21.53
C GLY A 208 5.38 -0.92 -20.26
N ILE A 209 4.62 -1.08 -19.18
CA ILE A 209 5.00 -0.48 -17.89
C ILE A 209 6.29 -1.08 -17.37
N VAL A 210 6.43 -2.40 -17.45
CA VAL A 210 7.65 -3.03 -16.96
C VAL A 210 8.85 -2.55 -17.77
N HIS A 211 8.67 -2.30 -19.09
CA HIS A 211 9.76 -1.79 -19.90
C HIS A 211 10.16 -0.40 -19.45
N VAL A 212 9.16 0.45 -19.16
CA VAL A 212 9.45 1.77 -18.62
C VAL A 212 10.20 1.67 -17.29
N LEU A 213 9.75 0.76 -16.41
CA LEU A 213 10.46 0.55 -15.13
C LEU A 213 11.90 0.11 -15.35
N ARG A 214 12.11 -0.87 -16.25
CA ARG A 214 13.45 -1.37 -16.53
C ARG A 214 14.39 -0.24 -16.96
N LEU A 215 13.97 0.52 -17.97
CA LEU A 215 14.81 1.62 -18.43
C LEU A 215 15.02 2.69 -17.36
N HIS A 216 13.99 2.99 -16.56
CA HIS A 216 14.15 3.99 -15.52
C HIS A 216 15.17 3.55 -14.49
N LEU A 217 15.09 2.29 -14.05
CA LEU A 217 16.06 1.82 -13.06
C LEU A 217 17.48 1.85 -13.61
N GLN A 218 17.64 1.51 -14.89
CA GLN A 218 18.94 1.60 -15.55
C GLN A 218 19.49 3.04 -15.50
N SER A 219 18.64 4.04 -15.75
CA SER A 219 19.08 5.44 -15.73
C SER A 219 19.28 5.97 -14.31
N ASN A 220 18.37 5.62 -13.39
CA ASN A 220 18.35 6.22 -12.07
C ASN A 220 19.25 5.50 -11.06
N HIS A 221 19.57 4.24 -11.32
CA HIS A 221 20.38 3.42 -10.42
C HIS A 221 21.46 2.69 -11.21
N PRO A 222 22.37 3.43 -11.85
CA PRO A 222 23.42 2.77 -12.64
C PRO A 222 24.37 1.97 -11.78
N ASP A 223 24.38 2.22 -10.48
CA ASP A 223 25.25 1.53 -9.54
C ASP A 223 24.79 0.11 -9.19
N ASP A 224 23.52 -0.23 -9.42
CA ASP A 224 22.94 -1.52 -8.97
C ASP A 224 22.39 -2.24 -10.20
N ILE A 225 23.23 -3.08 -10.81
CA ILE A 225 22.84 -3.71 -12.08
C ILE A 225 21.79 -4.80 -11.93
N PHE A 226 21.49 -5.24 -10.72
CA PHE A 226 20.44 -6.22 -10.52
C PHE A 226 19.18 -5.59 -9.96
N LEU A 227 19.05 -4.27 -9.93
CA LEU A 227 17.91 -3.70 -9.24
C LEU A 227 16.57 -4.14 -9.86
N PHE A 228 16.50 -4.26 -11.19
CA PHE A 228 15.24 -4.68 -11.79
C PHE A 228 14.85 -6.09 -11.38
N PRO A 229 15.69 -7.12 -11.50
CA PRO A 229 15.26 -8.44 -10.99
C PRO A 229 15.04 -8.45 -9.47
N LYS A 230 15.77 -7.65 -8.68
CA LYS A 230 15.44 -7.56 -7.24
C LYS A 230 14.00 -7.10 -7.06
N LEU A 231 13.54 -6.14 -7.88
CA LEU A 231 12.18 -5.63 -7.71
C LEU A 231 11.15 -6.61 -8.25
N LEU A 232 11.47 -7.37 -9.32
CA LEU A 232 10.56 -8.44 -9.73
C LEU A 232 10.36 -9.42 -8.57
N GLN A 233 11.43 -9.75 -7.86
CA GLN A 233 11.29 -10.66 -6.72
C GLN A 233 10.47 -10.01 -5.62
N LYS A 234 10.69 -8.72 -5.34
CA LYS A 234 9.88 -8.05 -4.32
C LYS A 234 8.40 -8.10 -4.69
N MET A 235 8.07 -8.04 -5.99
CA MET A 235 6.66 -8.15 -6.39
C MET A 235 6.12 -9.51 -5.99
N ALA A 236 6.91 -10.56 -6.17
CA ALA A 236 6.47 -11.89 -5.78
C ALA A 236 6.38 -12.03 -4.25
N ASP A 237 7.33 -11.44 -3.52
CA ASP A 237 7.29 -11.40 -2.07
C ASP A 237 6.03 -10.70 -1.58
N LEU A 238 5.66 -9.60 -2.24
CA LEU A 238 4.46 -8.87 -1.84
C LEU A 238 3.20 -9.70 -2.04
N ARG A 239 3.12 -10.47 -3.12
CA ARG A 239 1.93 -11.30 -3.33
C ARG A 239 1.80 -12.30 -2.19
N GLN A 240 2.92 -12.88 -1.75
CA GLN A 240 2.90 -13.82 -0.64
C GLN A 240 2.56 -13.11 0.66
N LEU A 241 3.11 -11.92 0.90
CA LEU A 241 2.75 -11.14 2.09
C LEU A 241 1.25 -10.85 2.15
N VAL A 242 0.65 -10.51 1.00
CA VAL A 242 -0.78 -10.20 0.97
C VAL A 242 -1.60 -11.46 1.22
N THR A 243 -1.17 -12.60 0.67
CA THR A 243 -1.89 -13.85 0.90
C THR A 243 -1.92 -14.16 2.39
N GLU A 244 -0.77 -14.03 3.06
CA GLU A 244 -0.67 -14.28 4.49
C GLU A 244 -1.45 -13.26 5.29
N HIS A 245 -1.39 -11.99 4.87
CA HIS A 245 -2.16 -10.96 5.55
C HIS A 245 -3.66 -11.24 5.45
N ALA A 246 -4.15 -11.62 4.27
CA ALA A 246 -5.58 -11.90 4.09
C ALA A 246 -6.00 -13.04 5.01
N GLN A 247 -5.12 -14.03 5.23
CA GLN A 247 -5.49 -15.13 6.12
C GLN A 247 -5.65 -14.63 7.56
N LEU A 248 -4.76 -13.73 7.98
CA LEU A 248 -4.85 -13.20 9.32
C LEU A 248 -6.10 -12.34 9.48
N VAL A 249 -6.39 -11.49 8.49
CA VAL A 249 -7.61 -10.69 8.53
C VAL A 249 -8.84 -11.61 8.67
N GLN A 250 -8.86 -12.72 7.96
CA GLN A 250 -10.01 -13.62 8.07
C GLN A 250 -10.14 -14.19 9.47
N ILE A 251 -9.01 -14.56 10.11
CA ILE A 251 -9.05 -15.05 11.49
C ILE A 251 -9.60 -13.99 12.43
N ILE A 252 -9.10 -12.77 12.32
CA ILE A 252 -9.61 -11.67 13.13
C ILE A 252 -11.11 -11.47 12.87
N LYS A 253 -11.52 -11.38 11.61
CA LYS A 253 -12.93 -11.11 11.32
C LYS A 253 -13.83 -12.18 11.94
N LYS A 254 -13.40 -13.43 11.85
CA LYS A 254 -14.22 -14.53 12.29
C LYS A 254 -14.27 -14.66 13.80
N THR A 255 -13.20 -14.27 14.51
CA THR A 255 -13.03 -14.55 15.93
C THR A 255 -13.07 -13.31 16.82
N GLU A 256 -13.10 -12.10 16.26
CA GLU A 256 -13.12 -10.86 17.04
C GLU A 256 -14.34 -10.04 16.62
N SER A 257 -15.41 -10.12 17.41
CA SER A 257 -16.67 -9.49 17.00
C SER A 257 -16.59 -7.98 16.97
N ASP A 258 -15.73 -7.39 17.79
CA ASP A 258 -15.59 -5.93 17.77
C ASP A 258 -14.79 -5.43 16.58
N ALA A 259 -14.14 -6.33 15.85
CA ALA A 259 -13.18 -5.96 14.82
C ALA A 259 -13.83 -6.02 13.44
N ALA A 260 -14.89 -5.25 13.30
CA ALA A 260 -15.63 -5.19 12.04
C ALA A 260 -14.71 -4.74 10.89
N LEU A 261 -14.99 -5.27 9.71
CA LEU A 261 -14.31 -4.84 8.48
C LEU A 261 -15.14 -3.80 7.75
N HIS A 262 -14.50 -2.73 7.34
CA HIS A 262 -15.10 -1.73 6.48
C HIS A 262 -15.59 -2.38 5.18
N PRO A 263 -16.74 -1.93 4.63
CA PRO A 263 -17.32 -2.66 3.49
C PRO A 263 -16.46 -2.66 2.23
N LEU A 264 -15.69 -1.61 1.99
CA LEU A 264 -14.81 -1.64 0.82
C LEU A 264 -13.73 -2.70 1.01
N LEU A 265 -13.24 -2.84 2.24
CA LEU A 265 -12.22 -3.85 2.45
C LEU A 265 -12.82 -5.25 2.43
N GLN A 266 -14.06 -5.40 2.90
CA GLN A 266 -14.69 -6.72 2.79
C GLN A 266 -14.84 -7.13 1.34
N GLU A 267 -15.23 -6.19 0.49
CA GLU A 267 -15.37 -6.48 -0.94
C GLU A 267 -14.02 -6.85 -1.55
N ILE A 268 -12.95 -6.15 -1.16
CA ILE A 268 -11.63 -6.49 -1.69
C ILE A 268 -11.21 -7.88 -1.26
N TYR A 269 -11.38 -8.20 0.03
CA TYR A 269 -10.88 -9.47 0.53
C TYR A 269 -11.74 -10.66 0.09
N ARG A 270 -13.01 -10.43 -0.19
CA ARG A 270 -13.94 -11.52 -0.49
C ARG A 270 -13.56 -12.21 -1.79
N ASP A 271 -13.29 -13.52 -1.72
CA ASP A 271 -12.91 -14.34 -2.86
C ASP A 271 -11.52 -13.99 -3.39
N MET A 272 -10.69 -13.29 -2.62
CA MET A 272 -9.39 -12.93 -3.14
C MET A 272 -8.47 -14.15 -3.23
N TYR A 273 -8.13 -14.76 -2.08
CA TYR A 273 -7.22 -15.93 -2.11
C TYR A 273 -7.81 -17.15 -1.38
N ARG B 4 -19.89 -7.40 -7.95
CA ARG B 4 -19.20 -8.08 -6.86
C ARG B 4 -18.37 -7.08 -6.07
N HIS B 5 -18.18 -5.88 -6.67
CA HIS B 5 -17.33 -4.82 -6.13
C HIS B 5 -17.99 -3.46 -6.41
N LYS B 6 -19.14 -3.21 -5.79
CA LYS B 6 -19.88 -2.02 -6.14
C LYS B 6 -19.15 -0.76 -5.72
N ILE B 7 -18.39 -0.78 -4.61
CA ILE B 7 -17.65 0.41 -4.23
C ILE B 7 -16.48 0.65 -5.18
N LEU B 8 -15.68 -0.38 -5.45
CA LEU B 8 -14.62 -0.22 -6.44
C LEU B 8 -15.19 0.24 -7.77
N HIS B 9 -16.23 -0.45 -8.25
CA HIS B 9 -16.85 -0.05 -9.51
C HIS B 9 -17.20 1.43 -9.48
N ARG B 10 -17.82 1.88 -8.38
CA ARG B 10 -18.20 3.29 -8.27
C ARG B 10 -16.98 4.20 -8.22
N LEU B 11 -15.94 3.83 -7.46
CA LEU B 11 -14.74 4.65 -7.45
C LEU B 11 -14.11 4.74 -8.83
N LEU B 12 -14.17 3.67 -9.61
CA LEU B 12 -13.49 3.64 -10.90
C LEU B 12 -14.19 4.46 -11.99
N GLN B 13 -15.42 4.90 -11.76
CA GLN B 13 -16.16 5.65 -12.77
C GLN B 13 -16.05 7.16 -12.56
#